data_5OG7
#
_entry.id   5OG7
#
_cell.length_a   44.883
_cell.length_b   73.467
_cell.length_c   52.114
_cell.angle_alpha   90.00
_cell.angle_beta   109.40
_cell.angle_gamma   90.00
#
_symmetry.space_group_name_H-M   'P 1 21 1'
#
loop_
_entity.id
_entity.type
_entity.pdbx_description
1 polymer Endothiapepsin
2 non-polymer 'DIMETHYL SULFOXIDE'
3 non-polymer "3-chloranyl-~{N}'-(4,5-dihydro-1~{H}-imidazol-3-ium-2-yl)propanehydrazide"
4 water water
#
_entity_poly.entity_id   1
_entity_poly.type   'polypeptide(L)'
_entity_poly.pdbx_seq_one_letter_code
;STGSATTTPIDSLDDAYITPVQIGTPAQTLNLDFDTGSSDLWVFSSETTASEVDGQTIYTPSKSTTAKLLSGATWSISYG
DGSSSSGDVYTDTVSVGGLTVTGQAVESAKKVSSSFTEDSTIDGLLGLAFSTLNTVSPTQQKTFFDNAKASLDSPVFTAD
LGYHAPGTYNFGFIDTTAYTGSITYTAVSTKQGFWEWTSTGYAVGSGTFKSTSIDGIADTGTTLLYLPATVVSAYWAQVS
GAKSSSSVGGYVFPCSATLPSFTFGVGSARIVIPGDYIDFGPISTGSSSCFGGIQSSAGIGINIFGDVALKAAFVVFNGA
TTPTLGFASK
;
_entity_poly.pdbx_strand_id   A
#
loop_
_chem_comp.id
_chem_comp.type
_chem_comp.name
_chem_comp.formula
DMS non-polymer 'DIMETHYL SULFOXIDE' 'C2 H6 O S'
FLK non-polymer 3-chloranyl-~{N}'-(4,5-dihydro-1~{H}-imidazol-3-ium-2-yl)propanehydrazide 'C6 H12 Cl N4 O 1'
#
# COMPACT_ATOMS: atom_id res chain seq x y z
N SER A 1 22.40 -9.16 -1.12
CA SER A 1 21.94 -8.20 -2.15
C SER A 1 20.97 -7.17 -1.55
N THR A 2 20.71 -6.13 -2.33
CA THR A 2 19.80 -5.06 -1.93
C THR A 2 19.16 -4.50 -3.18
N GLY A 3 18.05 -3.81 -2.99
CA GLY A 3 17.43 -3.06 -4.07
C GLY A 3 16.86 -1.78 -3.53
N SER A 4 16.77 -0.79 -4.41
CA SER A 4 16.25 0.53 -4.02
C SER A 4 15.57 1.15 -5.23
N ALA A 5 14.30 1.51 -5.09
CA ALA A 5 13.54 2.08 -6.20
C ALA A 5 12.73 3.27 -5.69
N THR A 6 12.62 4.30 -6.53
CA THR A 6 11.80 5.46 -6.26
C THR A 6 10.33 5.15 -6.50
N THR A 7 9.49 5.57 -5.57
CA THR A 7 8.05 5.44 -5.69
C THR A 7 7.45 6.85 -5.79
N THR A 8 6.50 7.01 -6.71
CA THR A 8 5.99 8.33 -7.09
C THR A 8 4.48 8.38 -6.95
N PRO A 9 3.90 9.44 -6.37
CA PRO A 9 2.43 9.56 -6.33
C PRO A 9 1.87 9.55 -7.74
N ILE A 10 0.74 8.85 -7.92
CA ILE A 10 0.14 8.78 -9.25
C ILE A 10 -0.61 10.06 -9.61
N ASP A 11 -0.93 10.92 -8.64
CA ASP A 11 -1.70 12.12 -8.91
C ASP A 11 -1.47 13.14 -7.79
N SER A 12 -2.14 14.30 -7.90
CA SER A 12 -1.87 15.40 -6.99
C SER A 12 -2.37 15.13 -5.58
N LEU A 13 -3.22 14.12 -5.38
CA LEU A 13 -3.78 13.81 -4.06
C LEU A 13 -3.06 12.66 -3.35
N ASP A 14 -2.00 12.11 -3.93
CA ASP A 14 -1.39 10.89 -3.40
C ASP A 14 -2.41 9.75 -3.30
N ASP A 15 -3.19 9.53 -4.35
CA ASP A 15 -4.18 8.46 -4.28
C ASP A 15 -3.54 7.08 -4.26
N ALA A 16 -2.40 6.93 -4.91
CA ALA A 16 -1.61 5.72 -4.81
C ALA A 16 -0.21 6.07 -5.26
N TYR A 17 0.69 5.09 -5.17
CA TYR A 17 2.09 5.27 -5.50
C TYR A 17 2.51 4.18 -6.48
N ILE A 18 3.28 4.56 -7.50
CA ILE A 18 3.80 3.60 -8.48
C ILE A 18 5.30 3.56 -8.43
N THR A 19 5.83 2.37 -8.69
CA THR A 19 7.25 2.10 -8.60
C THR A 19 7.61 1.30 -9.85
N PRO A 20 8.66 1.68 -10.59
CA PRO A 20 9.01 0.93 -11.80
C PRO A 20 9.58 -0.44 -11.47
N VAL A 21 9.12 -1.46 -12.20
CA VAL A 21 9.53 -2.86 -12.01
C VAL A 21 9.94 -3.38 -13.40
N GLN A 22 11.09 -4.05 -13.48
CA GLN A 22 11.55 -4.69 -14.71
C GLN A 22 11.10 -6.15 -14.74
N ILE A 23 10.44 -6.56 -15.81
CA ILE A 23 9.93 -7.92 -15.94
C ILE A 23 10.41 -8.50 -17.28
N GLY A 24 10.98 -9.68 -17.24
CA GLY A 24 11.26 -10.40 -18.46
C GLY A 24 12.60 -10.02 -19.08
N THR A 25 12.89 -10.70 -20.20
CA THR A 25 14.16 -10.54 -20.91
C THR A 25 13.90 -10.39 -22.42
N PRO A 26 14.29 -9.26 -23.04
CA PRO A 26 14.78 -8.02 -22.42
C PRO A 26 13.73 -7.39 -21.52
N ALA A 27 14.18 -6.49 -20.66
CA ALA A 27 13.31 -5.93 -19.62
C ALA A 27 12.09 -5.24 -20.23
N GLN A 28 10.93 -5.50 -19.64
CA GLN A 28 9.71 -4.74 -19.84
C GLN A 28 9.44 -4.02 -18.53
N THR A 29 9.47 -2.71 -18.55
CA THR A 29 9.31 -1.92 -17.34
C THR A 29 7.85 -1.52 -17.22
N LEU A 30 7.21 -2.00 -16.15
CA LEU A 30 5.87 -1.59 -15.77
C LEU A 30 5.89 -0.84 -14.44
N ASN A 31 4.94 0.07 -14.25
CA ASN A 31 4.83 0.86 -13.02
C ASN A 31 3.78 0.23 -12.13
N LEU A 32 4.22 -0.35 -11.03
CA LEU A 32 3.35 -1.19 -10.23
C LEU A 32 3.08 -0.52 -8.88
N ASP A 33 1.91 -0.83 -8.36
CA ASP A 33 1.46 -0.34 -7.05
C ASP A 33 1.92 -1.35 -6.01
N PHE A 34 2.97 -1.01 -5.28
CA PHE A 34 3.49 -1.86 -4.21
C PHE A 34 2.49 -1.89 -3.05
N ASP A 35 2.01 -3.09 -2.72
CA ASP A 35 0.82 -3.25 -1.88
C ASP A 35 1.10 -4.20 -0.71
N THR A 36 1.38 -3.65 0.48
CA THR A 36 1.65 -4.49 1.65
C THR A 36 0.37 -5.08 2.23
N GLY A 37 -0.76 -4.86 1.58
CA GLY A 37 -2.03 -5.42 1.97
C GLY A 37 -2.53 -6.50 1.03
N SER A 38 -1.70 -7.01 0.12
CA SER A 38 -2.02 -8.20 -0.66
C SER A 38 -0.72 -8.89 -1.03
N SER A 39 -0.85 -10.03 -1.72
CA SER A 39 0.30 -10.91 -1.92
C SER A 39 0.35 -11.48 -3.32
N ASP A 40 -0.25 -10.78 -4.28
CA ASP A 40 -0.16 -11.15 -5.68
C ASP A 40 0.60 -10.05 -6.42
N LEU A 41 1.52 -10.48 -7.29
CA LEU A 41 2.15 -9.62 -8.29
C LEU A 41 1.42 -9.87 -9.59
N TRP A 42 0.60 -8.93 -10.02
CA TRP A 42 -0.17 -9.10 -11.24
C TRP A 42 -0.02 -7.87 -12.11
N VAL A 43 -0.13 -8.09 -13.43
CA VAL A 43 0.16 -7.07 -14.43
C VAL A 43 -0.92 -7.05 -15.50
N PHE A 44 -1.26 -5.85 -15.97
CA PHE A 44 -1.90 -5.74 -17.28
C PHE A 44 -1.00 -6.42 -18.30
N SER A 45 -1.60 -7.11 -19.27
CA SER A 45 -0.79 -7.90 -20.18
C SER A 45 -1.41 -7.92 -21.57
N SER A 46 -0.73 -8.63 -22.47
CA SER A 46 -1.28 -8.93 -23.79
C SER A 46 -2.51 -9.81 -23.72
N GLU A 47 -2.81 -10.37 -22.55
CA GLU A 47 -3.97 -11.21 -22.35
C GLU A 47 -5.16 -10.46 -21.74
N THR A 48 -4.99 -9.19 -21.36
CA THR A 48 -6.07 -8.46 -20.74
C THR A 48 -7.09 -8.08 -21.80
N THR A 49 -8.36 -8.39 -21.54
CA THR A 49 -9.45 -7.98 -22.41
C THR A 49 -9.24 -6.57 -22.94
N ALA A 50 -9.21 -6.45 -24.26
CA ALA A 50 -8.79 -5.22 -24.91
C ALA A 50 -9.63 -4.03 -24.44
N SER A 51 -10.93 -4.24 -24.21
CA SER A 51 -11.79 -3.15 -23.77
C SER A 51 -11.50 -2.72 -22.34
N GLU A 52 -10.70 -3.49 -21.59
CA GLU A 52 -10.40 -3.17 -20.20
C GLU A 52 -9.01 -2.57 -20.03
N VAL A 53 -8.31 -2.33 -21.12
CA VAL A 53 -7.02 -1.64 -21.14
C VAL A 53 -7.24 -0.23 -21.67
N ASP A 54 -6.77 0.77 -20.92
CA ASP A 54 -6.93 2.17 -21.35
C ASP A 54 -5.70 2.96 -20.91
N GLY A 55 -4.62 2.79 -21.66
CA GLY A 55 -3.42 3.56 -21.44
C GLY A 55 -2.35 2.86 -20.63
N GLN A 56 -2.63 1.71 -20.04
CA GLN A 56 -1.64 1.03 -19.24
C GLN A 56 -0.57 0.40 -20.14
N THR A 57 0.65 0.33 -19.62
CA THR A 57 1.69 -0.48 -20.25
C THR A 57 1.46 -1.94 -19.92
N ILE A 58 1.61 -2.81 -20.91
CA ILE A 58 1.27 -4.22 -20.75
C ILE A 58 2.52 -5.07 -20.78
N TYR A 59 2.45 -6.19 -20.07
CA TYR A 59 3.44 -7.25 -20.12
C TYR A 59 3.07 -8.22 -21.23
N THR A 60 4.00 -8.41 -22.16
CA THR A 60 3.82 -9.38 -23.24
C THR A 60 4.78 -10.54 -22.98
N PRO A 61 4.33 -11.61 -22.33
CA PRO A 61 5.26 -12.73 -22.05
C PRO A 61 5.84 -13.38 -23.29
N SER A 62 5.17 -13.31 -24.44
CA SER A 62 5.72 -13.97 -25.63
C SER A 62 6.95 -13.26 -26.16
N LYS A 63 7.23 -12.06 -25.66
CA LYS A 63 8.42 -11.32 -26.04
C LYS A 63 9.53 -11.45 -25.03
N SER A 64 9.34 -12.23 -23.98
CA SER A 64 10.34 -12.45 -22.96
C SER A 64 10.92 -13.85 -23.11
N THR A 65 12.21 -13.93 -23.36
CA THR A 65 12.87 -15.22 -23.50
C THR A 65 12.92 -16.00 -22.19
N THR A 66 12.62 -15.37 -21.06
CA THR A 66 12.67 -16.04 -19.76
C THR A 66 11.28 -16.38 -19.23
N ALA A 67 10.23 -15.96 -19.92
CA ALA A 67 8.87 -16.25 -19.47
C ALA A 67 8.54 -17.72 -19.67
N LYS A 68 7.85 -18.30 -18.70
CA LYS A 68 7.36 -19.66 -18.83
C LYS A 68 5.95 -19.71 -18.30
N LEU A 69 5.00 -20.23 -19.06
CA LEU A 69 3.66 -20.43 -18.52
C LEU A 69 3.71 -21.35 -17.31
N LEU A 70 2.98 -20.99 -16.26
CA LEU A 70 2.83 -21.88 -15.12
C LEU A 70 1.56 -22.68 -15.35
N SER A 71 1.72 -23.88 -15.95
CA SER A 71 0.57 -24.62 -16.49
C SER A 71 -0.50 -24.85 -15.45
N GLY A 72 -1.73 -24.52 -15.80
CA GLY A 72 -2.86 -24.80 -14.93
C GLY A 72 -3.10 -23.79 -13.83
N ALA A 73 -2.20 -22.83 -13.63
CA ALA A 73 -2.35 -21.89 -12.54
C ALA A 73 -3.27 -20.74 -12.95
N THR A 74 -4.18 -20.37 -12.06
CA THR A 74 -5.02 -19.20 -12.24
C THR A 74 -5.04 -18.41 -10.94
N TRP A 75 -5.56 -17.19 -11.03
CA TRP A 75 -5.62 -16.34 -9.85
C TRP A 75 -6.85 -15.46 -9.95
N SER A 76 -7.34 -15.05 -8.79
CA SER A 76 -8.47 -14.14 -8.74
C SER A 76 -8.45 -13.44 -7.40
N ILE A 77 -8.64 -12.11 -7.40
CA ILE A 77 -8.46 -11.36 -6.17
C ILE A 77 -9.46 -10.21 -6.16
N SER A 78 -9.93 -9.86 -4.96
CA SER A 78 -10.72 -8.67 -4.67
C SER A 78 -10.03 -7.93 -3.54
N TYR A 79 -10.02 -6.59 -3.63
CA TYR A 79 -9.35 -5.74 -2.65
C TYR A 79 -10.36 -5.01 -1.76
N GLY A 80 -9.85 -4.36 -0.72
CA GLY A 80 -10.66 -3.65 0.25
C GLY A 80 -11.45 -2.50 -0.33
N ASP A 81 -11.13 -2.06 -1.54
CA ASP A 81 -11.89 -1.00 -2.18
C ASP A 81 -12.92 -1.54 -3.16
N GLY A 82 -13.14 -2.86 -3.18
CA GLY A 82 -14.11 -3.47 -4.06
C GLY A 82 -13.61 -3.76 -5.45
N SER A 83 -12.35 -3.44 -5.75
CA SER A 83 -11.85 -3.72 -7.08
C SER A 83 -11.37 -5.18 -7.14
N SER A 84 -11.14 -5.66 -8.36
CA SER A 84 -10.77 -7.06 -8.53
C SER A 84 -10.12 -7.27 -9.89
N SER A 85 -9.45 -8.43 -10.01
CA SER A 85 -8.83 -8.83 -11.26
C SER A 85 -8.56 -10.34 -11.20
N SER A 86 -8.27 -10.92 -12.36
CA SER A 86 -8.07 -12.36 -12.43
C SER A 86 -7.36 -12.71 -13.74
N GLY A 87 -6.74 -13.90 -13.79
CA GLY A 87 -6.13 -14.35 -15.03
C GLY A 87 -5.33 -15.62 -14.85
N ASP A 88 -4.27 -15.73 -15.67
CA ASP A 88 -3.36 -16.87 -15.59
C ASP A 88 -1.98 -16.40 -15.13
N VAL A 89 -0.99 -17.28 -15.19
CA VAL A 89 0.27 -17.07 -14.49
C VAL A 89 1.45 -17.53 -15.30
N TYR A 90 2.47 -16.69 -15.34
CA TYR A 90 3.78 -17.01 -15.86
C TYR A 90 4.79 -16.92 -14.75
N THR A 91 5.94 -17.52 -14.96
CA THR A 91 7.10 -17.19 -14.15
C THR A 91 8.07 -16.45 -15.04
N ASP A 92 8.76 -15.47 -14.46
CA ASP A 92 9.71 -14.69 -15.22
C ASP A 92 10.65 -14.02 -14.24
N THR A 93 11.68 -13.38 -14.80
CA THR A 93 12.63 -12.64 -14.01
C THR A 93 12.08 -11.26 -13.73
N VAL A 94 12.10 -10.88 -12.46
CA VAL A 94 11.57 -9.61 -11.99
C VAL A 94 12.67 -8.90 -11.21
N SER A 95 12.88 -7.61 -11.53
CA SER A 95 13.89 -6.79 -10.86
C SER A 95 13.25 -5.51 -10.34
N VAL A 96 13.56 -5.17 -9.10
CA VAL A 96 13.17 -3.93 -8.48
C VAL A 96 14.44 -3.21 -8.05
N GLY A 97 14.69 -2.05 -8.66
CA GLY A 97 15.78 -1.22 -8.18
C GLY A 97 17.10 -1.94 -8.04
N GLY A 98 17.42 -2.83 -8.99
CA GLY A 98 18.68 -3.54 -8.95
C GLY A 98 18.62 -4.90 -8.29
N LEU A 99 17.51 -5.24 -7.63
CA LEU A 99 17.37 -6.53 -6.96
C LEU A 99 16.57 -7.45 -7.86
N THR A 100 17.07 -8.67 -8.11
CA THR A 100 16.51 -9.55 -9.13
C THR A 100 16.07 -10.86 -8.51
N VAL A 101 14.86 -11.30 -8.87
CA VAL A 101 14.35 -12.62 -8.51
C VAL A 101 14.07 -13.36 -9.81
N THR A 102 14.69 -14.52 -9.99
CA THR A 102 14.34 -15.37 -11.12
C THR A 102 13.20 -16.30 -10.71
N GLY A 103 12.38 -16.63 -11.69
CA GLY A 103 11.25 -17.50 -11.46
C GLY A 103 10.14 -16.94 -10.61
N GLN A 104 9.98 -15.62 -10.59
CA GLN A 104 8.88 -14.98 -9.87
C GLN A 104 7.57 -15.28 -10.59
N ALA A 105 6.55 -15.67 -9.83
CA ALA A 105 5.22 -15.74 -10.39
C ALA A 105 4.75 -14.33 -10.80
N VAL A 106 4.47 -14.18 -12.10
CA VAL A 106 3.94 -12.95 -12.68
C VAL A 106 2.53 -13.28 -13.15
N GLU A 107 1.55 -12.73 -12.46
CA GLU A 107 0.16 -13.09 -12.67
C GLU A 107 -0.41 -12.18 -13.74
N SER A 108 -0.81 -12.77 -14.85
CA SER A 108 -1.18 -12.01 -16.04
C SER A 108 -2.69 -11.84 -16.06
N ALA A 109 -3.15 -10.59 -16.09
CA ALA A 109 -4.58 -10.34 -15.98
C ALA A 109 -5.30 -10.66 -17.28
N LYS A 110 -6.35 -11.44 -17.18
CA LYS A 110 -7.31 -11.56 -18.27
C LYS A 110 -8.48 -10.60 -18.08
N LYS A 111 -8.84 -10.30 -16.84
CA LYS A 111 -9.92 -9.38 -16.53
C LYS A 111 -9.51 -8.48 -15.40
N VAL A 112 -9.84 -7.19 -15.50
CA VAL A 112 -9.72 -6.25 -14.39
C VAL A 112 -11.02 -5.49 -14.21
N SER A 113 -11.30 -5.06 -12.99
CA SER A 113 -12.50 -4.28 -12.75
C SER A 113 -12.31 -2.85 -13.24
N SER A 114 -13.44 -2.14 -13.35
CA SER A 114 -13.42 -0.83 -13.98
C SER A 114 -12.44 0.11 -13.31
N SER A 115 -12.26 -0.01 -11.99
CA SER A 115 -11.38 0.89 -11.27
C SER A 115 -9.95 0.82 -11.79
N PHE A 116 -9.49 -0.39 -12.16
CA PHE A 116 -8.14 -0.53 -12.69
C PHE A 116 -8.05 0.02 -14.11
N THR A 117 -9.07 -0.26 -14.93
CA THR A 117 -9.09 0.27 -16.29
C THR A 117 -9.00 1.79 -16.28
N GLU A 118 -9.73 2.42 -15.39
CA GLU A 118 -9.84 3.88 -15.38
C GLU A 118 -8.60 4.56 -14.85
N ASP A 119 -7.64 3.82 -14.32
CA ASP A 119 -6.44 4.41 -13.76
C ASP A 119 -5.28 4.07 -14.67
N SER A 120 -5.00 4.95 -15.64
CA SER A 120 -4.00 4.68 -16.66
C SER A 120 -2.58 4.64 -16.12
N THR A 121 -2.37 5.08 -14.87
CA THR A 121 -1.01 5.16 -14.32
C THR A 121 -0.55 3.88 -13.65
N ILE A 122 -1.45 2.98 -13.28
CA ILE A 122 -1.09 1.77 -12.55
C ILE A 122 -1.15 0.58 -13.50
N ASP A 123 0.01 0.00 -13.78
CA ASP A 123 0.17 -1.12 -14.68
C ASP A 123 -0.04 -2.46 -13.99
N GLY A 124 -0.24 -2.47 -12.69
CA GLY A 124 -0.38 -3.69 -11.93
C GLY A 124 -0.02 -3.45 -10.49
N LEU A 125 -0.07 -4.54 -9.71
CA LEU A 125 0.26 -4.47 -8.30
C LEU A 125 1.37 -5.47 -7.97
N LEU A 126 2.17 -5.13 -6.96
CA LEU A 126 3.23 -6.00 -6.45
C LEU A 126 2.95 -6.17 -4.96
N GLY A 127 2.40 -7.33 -4.62
CA GLY A 127 1.99 -7.59 -3.26
C GLY A 127 3.18 -7.91 -2.36
N LEU A 128 3.10 -7.39 -1.13
CA LEU A 128 4.16 -7.51 -0.15
C LEU A 128 3.61 -7.90 1.23
N ALA A 129 2.37 -8.39 1.30
CA ALA A 129 1.92 -9.07 2.50
C ALA A 129 2.56 -10.46 2.52
N PHE A 130 2.06 -11.33 3.39
CA PHE A 130 2.64 -12.66 3.55
C PHE A 130 2.04 -13.59 2.51
N SER A 131 2.87 -14.55 2.06
CA SER A 131 2.52 -15.32 0.87
C SER A 131 1.33 -16.23 1.10
N THR A 132 0.95 -16.42 2.36
CA THR A 132 -0.24 -17.18 2.68
C THR A 132 -1.51 -16.55 2.12
N LEU A 133 -1.48 -15.25 1.74
CA LEU A 133 -2.63 -14.60 1.11
C LEU A 133 -2.64 -14.73 -0.41
N ASN A 134 -1.60 -15.27 -1.00
CA ASN A 134 -1.54 -15.31 -2.46
C ASN A 134 -2.68 -16.14 -3.04
N THR A 135 -3.25 -15.67 -4.16
CA THR A 135 -4.49 -16.27 -4.65
C THR A 135 -4.26 -17.30 -5.74
N VAL A 136 -3.02 -17.61 -6.09
CA VAL A 136 -2.79 -18.52 -7.20
C VAL A 136 -3.23 -19.91 -6.79
N SER A 137 -3.94 -20.57 -7.69
CA SER A 137 -4.50 -21.90 -7.51
C SER A 137 -4.18 -22.76 -8.74
N PRO A 138 -3.88 -24.06 -8.55
CA PRO A 138 -3.92 -24.82 -7.31
C PRO A 138 -2.67 -24.74 -6.47
N THR A 139 -1.59 -24.13 -6.99
CA THR A 139 -0.31 -24.02 -6.28
C THR A 139 -0.07 -22.55 -5.89
N GLN A 140 -0.20 -22.27 -4.59
CA GLN A 140 0.05 -20.93 -4.09
C GLN A 140 1.49 -20.50 -4.36
N GLN A 141 1.66 -19.22 -4.70
CA GLN A 141 2.94 -18.64 -5.10
C GLN A 141 3.44 -17.65 -4.06
N LYS A 142 4.77 -17.44 -4.06
CA LYS A 142 5.44 -16.58 -3.10
C LYS A 142 5.53 -15.15 -3.63
N THR A 143 5.48 -14.19 -2.71
CA THR A 143 5.70 -12.81 -3.10
C THR A 143 7.15 -12.61 -3.54
N PHE A 144 7.36 -11.46 -4.19
CA PHE A 144 8.69 -11.00 -4.58
C PHE A 144 9.62 -10.91 -3.37
N PHE A 145 9.13 -10.33 -2.27
CA PHE A 145 9.94 -10.21 -1.05
C PHE A 145 10.28 -11.57 -0.48
N ASP A 146 9.27 -12.44 -0.39
CA ASP A 146 9.50 -13.81 0.07
C ASP A 146 10.58 -14.51 -0.76
N ASN A 147 10.46 -14.45 -2.09
CA ASN A 147 11.46 -15.07 -2.95
C ASN A 147 12.83 -14.44 -2.78
N ALA A 148 12.90 -13.13 -2.53
CA ALA A 148 14.21 -12.45 -2.46
C ALA A 148 14.85 -12.57 -1.08
N LYS A 149 14.07 -12.94 -0.07
CA LYS A 149 14.45 -12.76 1.33
C LYS A 149 15.79 -13.41 1.65
N ALA A 150 15.97 -14.67 1.27
CA ALA A 150 17.21 -15.38 1.62
C ALA A 150 18.43 -14.66 1.07
N SER A 151 18.33 -14.10 -0.15
CA SER A 151 19.45 -13.42 -0.79
C SER A 151 19.72 -12.04 -0.21
N LEU A 152 18.76 -11.41 0.45
CA LEU A 152 18.96 -10.05 0.92
C LEU A 152 20.00 -9.97 2.04
N ASP A 153 20.68 -8.83 2.09
CA ASP A 153 21.62 -8.59 3.18
C ASP A 153 20.94 -8.72 4.53
N SER A 154 19.70 -8.26 4.63
CA SER A 154 18.89 -8.35 5.83
C SER A 154 17.46 -8.58 5.35
N PRO A 155 16.67 -9.43 6.06
CA PRO A 155 15.36 -9.86 5.52
C PRO A 155 14.28 -8.81 5.74
N VAL A 156 14.45 -7.64 5.13
CA VAL A 156 13.57 -6.49 5.39
C VAL A 156 13.30 -5.73 4.10
N PHE A 157 12.18 -5.00 4.08
CA PHE A 157 12.03 -3.89 3.15
C PHE A 157 11.46 -2.71 3.92
N THR A 158 11.69 -1.52 3.38
CA THR A 158 11.24 -0.29 4.01
C THR A 158 10.44 0.53 3.01
N ALA A 159 9.44 1.22 3.55
CA ALA A 159 8.55 2.08 2.79
C ALA A 159 8.75 3.49 3.32
N ASP A 160 9.09 4.41 2.42
CA ASP A 160 9.36 5.80 2.74
C ASP A 160 8.57 6.64 1.72
N LEU A 161 7.25 6.68 1.92
CA LEU A 161 6.36 7.37 1.00
C LEU A 161 6.38 8.85 1.26
N GLY A 162 6.33 9.61 0.18
CA GLY A 162 6.36 11.05 0.24
C GLY A 162 4.97 11.65 0.25
N TYR A 163 4.87 12.82 0.86
CA TYR A 163 3.67 13.64 0.79
C TYR A 163 3.82 14.55 -0.42
N HIS A 164 2.96 14.35 -1.41
CA HIS A 164 3.03 15.06 -2.68
C HIS A 164 4.45 15.15 -3.21
N ALA A 165 5.20 14.07 -3.14
CA ALA A 165 6.59 14.06 -3.54
C ALA A 165 7.04 12.60 -3.68
N PRO A 166 8.09 12.33 -4.44
CA PRO A 166 8.60 10.96 -4.57
C PRO A 166 9.18 10.44 -3.27
N GLY A 167 9.29 9.11 -3.21
CA GLY A 167 9.73 8.44 -2.02
C GLY A 167 10.54 7.24 -2.45
N THR A 168 10.72 6.29 -1.54
CA THR A 168 11.64 5.20 -1.79
C THR A 168 11.13 3.92 -1.14
N TYR A 169 11.29 2.81 -1.87
CA TYR A 169 11.19 1.46 -1.32
C TYR A 169 12.58 0.84 -1.40
N ASN A 170 13.08 0.40 -0.26
CA ASN A 170 14.36 -0.31 -0.20
C ASN A 170 14.14 -1.75 0.22
N PHE A 171 14.94 -2.66 -0.35
CA PHE A 171 14.96 -4.06 0.02
C PHE A 171 16.34 -4.45 0.51
N GLY A 172 16.37 -5.09 1.67
CA GLY A 172 17.55 -5.67 2.22
C GLY A 172 18.39 -4.76 3.08
N PHE A 173 18.01 -3.51 3.29
CA PHE A 173 18.77 -2.65 4.17
C PHE A 173 17.91 -1.51 4.71
N ILE A 174 18.37 -0.93 5.82
CA ILE A 174 17.73 0.22 6.44
C ILE A 174 18.65 1.40 6.24
N ASP A 175 18.16 2.39 5.49
CA ASP A 175 18.84 3.66 5.26
C ASP A 175 18.74 4.52 6.51
N THR A 176 19.83 4.57 7.29
CA THR A 176 19.78 5.31 8.55
C THR A 176 19.77 6.83 8.35
N THR A 177 19.94 7.32 7.12
CA THR A 177 19.81 8.74 6.86
C THR A 177 18.39 9.16 6.56
N ALA A 178 17.47 8.21 6.45
CA ALA A 178 16.15 8.50 5.91
C ALA A 178 15.12 8.83 6.99
N TYR A 179 15.51 8.83 8.25
CA TYR A 179 14.54 9.05 9.32
C TYR A 179 15.27 9.76 10.44
N THR A 180 14.47 10.31 11.35
CA THR A 180 15.01 10.98 12.52
C THR A 180 14.70 10.17 13.77
N GLY A 181 15.46 10.42 14.82
CA GLY A 181 15.25 9.64 16.02
C GLY A 181 15.58 8.18 15.76
N SER A 182 14.91 7.31 16.50
CA SER A 182 15.13 5.89 16.39
C SER A 182 13.88 5.22 15.83
N ILE A 183 14.05 3.99 15.38
CA ILE A 183 12.96 3.16 14.90
C ILE A 183 12.37 2.41 16.08
N THR A 184 11.06 2.56 16.31
CA THR A 184 10.37 1.70 17.28
C THR A 184 9.73 0.50 16.60
N TYR A 185 10.12 -0.68 17.03
CA TYR A 185 9.58 -1.91 16.49
C TYR A 185 8.43 -2.40 17.37
N THR A 186 7.45 -3.02 16.72
CA THR A 186 6.26 -3.52 17.39
C THR A 186 5.90 -4.89 16.81
N ALA A 187 5.27 -5.75 17.62
CA ALA A 187 5.02 -7.12 17.21
C ALA A 187 3.98 -7.21 16.10
N VAL A 188 4.10 -8.26 15.28
CA VAL A 188 3.18 -8.51 14.17
C VAL A 188 2.53 -9.87 14.34
N SER A 189 1.24 -9.93 14.04
CA SER A 189 0.51 -11.17 13.86
C SER A 189 0.38 -11.45 12.36
N THR A 190 0.87 -12.59 11.93
CA THR A 190 0.71 -13.03 10.55
C THR A 190 -0.54 -13.87 10.35
N LYS A 191 -1.33 -14.07 11.40
CA LYS A 191 -2.42 -15.05 11.35
C LYS A 191 -3.45 -14.72 10.29
N GLN A 192 -3.63 -13.45 9.93
CA GLN A 192 -4.54 -13.11 8.84
C GLN A 192 -3.83 -12.85 7.53
N GLY A 193 -2.52 -13.04 7.49
CA GLY A 193 -1.76 -12.85 6.29
C GLY A 193 -1.24 -11.45 6.10
N PHE A 194 -1.60 -10.51 6.97
CA PHE A 194 -1.25 -9.11 6.87
C PHE A 194 -0.14 -8.77 7.84
N TRP A 195 0.43 -7.57 7.64
CA TRP A 195 1.33 -6.93 8.60
C TRP A 195 0.46 -6.27 9.67
N GLU A 196 -0.04 -7.10 10.58
CA GLU A 196 -1.04 -6.71 11.55
C GLU A 196 -0.36 -6.45 12.88
N TRP A 197 -0.65 -5.29 13.46
CA TRP A 197 0.01 -4.81 14.65
C TRP A 197 -1.02 -4.07 15.49
N THR A 198 -0.58 -3.57 16.65
CA THR A 198 -1.47 -2.94 17.63
C THR A 198 -0.91 -1.58 18.02
N SER A 199 -1.58 -0.54 17.56
CA SER A 199 -1.21 0.80 17.98
C SER A 199 -1.60 1.04 19.44
N THR A 200 -0.78 1.81 20.13
CA THR A 200 -0.97 2.03 21.56
C THR A 200 -1.88 3.21 21.88
N GLY A 201 -2.38 3.94 20.90
CA GLY A 201 -3.28 5.04 21.19
C GLY A 201 -3.23 6.13 20.12
N TYR A 202 -3.79 7.29 20.47
CA TYR A 202 -3.85 8.39 19.52
C TYR A 202 -4.06 9.71 20.25
N ALA A 203 -3.74 10.80 19.54
CA ALA A 203 -4.14 12.15 19.91
C ALA A 203 -4.64 12.91 18.69
N VAL A 204 -5.49 13.89 18.94
CA VAL A 204 -6.02 14.79 17.90
C VAL A 204 -5.38 16.15 18.13
N GLY A 205 -4.68 16.64 17.11
CA GLY A 205 -3.96 17.88 17.27
C GLY A 205 -3.13 17.91 18.52
N SER A 206 -3.26 18.97 19.28
CA SER A 206 -2.50 19.14 20.51
C SER A 206 -3.18 18.52 21.71
N GLY A 207 -4.18 17.68 21.50
CA GLY A 207 -4.90 17.06 22.60
C GLY A 207 -4.04 16.05 23.36
N THR A 208 -4.58 15.59 24.47
CA THR A 208 -3.88 14.62 25.28
C THR A 208 -4.03 13.24 24.67
N PHE A 209 -2.93 12.49 24.70
CA PHE A 209 -2.87 11.17 24.10
C PHE A 209 -3.78 10.22 24.86
N LYS A 210 -4.61 9.50 24.14
CA LYS A 210 -5.43 8.45 24.72
C LYS A 210 -4.74 7.10 24.49
N SER A 211 -4.42 6.42 25.58
CA SER A 211 -3.89 5.06 25.53
C SER A 211 -5.04 4.09 25.29
N THR A 212 -4.99 3.41 24.15
CA THR A 212 -6.02 2.44 23.81
C THR A 212 -5.47 1.61 22.67
N SER A 213 -5.62 0.29 22.77
CA SER A 213 -5.09 -0.60 21.76
C SER A 213 -5.97 -0.57 20.53
N ILE A 214 -5.35 -0.33 19.37
CA ILE A 214 -6.05 -0.34 18.09
C ILE A 214 -5.33 -1.36 17.21
N ASP A 215 -5.95 -2.53 16.99
CA ASP A 215 -5.43 -3.54 16.07
C ASP A 215 -5.64 -3.08 14.62
N GLY A 216 -4.58 -3.13 13.81
CA GLY A 216 -4.76 -2.73 12.43
C GLY A 216 -3.64 -3.27 11.56
N ILE A 217 -3.73 -2.98 10.26
CA ILE A 217 -2.73 -3.47 9.32
C ILE A 217 -1.99 -2.30 8.69
N ALA A 218 -0.71 -2.49 8.46
CA ALA A 218 0.12 -1.55 7.72
C ALA A 218 -0.01 -1.87 6.23
N ASP A 219 -0.65 -0.97 5.47
CA ASP A 219 -1.15 -1.27 4.12
C ASP A 219 -0.82 -0.14 3.14
N THR A 220 0.32 -0.27 2.43
CA THR A 220 0.67 0.74 1.42
C THR A 220 -0.33 0.81 0.27
N GLY A 221 -1.16 -0.22 0.11
CA GLY A 221 -2.09 -0.34 -0.99
C GLY A 221 -3.45 0.29 -0.74
N THR A 222 -3.66 0.81 0.46
CA THR A 222 -4.83 1.61 0.82
C THR A 222 -4.44 3.07 0.98
N THR A 223 -5.22 3.97 0.37
CA THR A 223 -4.93 5.41 0.37
C THR A 223 -5.08 6.03 1.77
N LEU A 224 -6.21 5.80 2.41
CA LEU A 224 -6.58 6.55 3.61
C LEU A 224 -6.32 5.76 4.88
N LEU A 225 -6.62 6.40 6.02
CA LEU A 225 -6.44 5.82 7.34
C LEU A 225 -7.83 5.43 7.86
N TYR A 226 -8.06 4.13 8.09
CA TYR A 226 -9.37 3.63 8.55
C TYR A 226 -9.24 3.16 9.99
N LEU A 227 -9.95 3.85 10.89
CA LEU A 227 -9.89 3.61 12.31
C LEU A 227 -11.28 3.45 12.91
N PRO A 228 -11.37 2.98 14.15
CA PRO A 228 -12.68 2.80 14.78
C PRO A 228 -13.50 4.08 14.85
N ALA A 229 -14.81 3.90 14.71
CA ALA A 229 -15.73 5.01 14.65
C ALA A 229 -15.54 5.99 15.80
N THR A 230 -15.26 5.49 17.01
CA THR A 230 -15.06 6.40 18.15
C THR A 230 -13.87 7.33 17.91
N VAL A 231 -12.77 6.77 17.42
CA VAL A 231 -11.56 7.55 17.16
C VAL A 231 -11.82 8.59 16.08
N VAL A 232 -12.46 8.15 15.00
CA VAL A 232 -12.68 9.02 13.86
C VAL A 232 -13.64 10.15 14.21
N SER A 233 -14.66 9.85 15.03
CA SER A 233 -15.57 10.89 15.50
C SER A 233 -14.83 11.91 16.34
N ALA A 234 -13.96 11.46 17.23
CA ALA A 234 -13.17 12.37 18.04
C ALA A 234 -12.31 13.30 17.18
N TYR A 235 -11.73 12.77 16.09
CA TYR A 235 -10.93 13.62 15.21
C TYR A 235 -11.79 14.67 14.52
N TRP A 236 -12.83 14.24 13.80
CA TRP A 236 -13.55 15.20 12.99
C TRP A 236 -14.37 16.17 13.83
N ALA A 237 -14.65 15.84 15.09
CA ALA A 237 -15.30 16.80 15.99
C ALA A 237 -14.46 18.05 16.19
N GLN A 238 -13.16 17.99 15.94
CA GLN A 238 -12.32 19.18 16.09
C GLN A 238 -12.32 20.08 14.86
N VAL A 239 -13.10 19.75 13.84
CA VAL A 239 -13.07 20.44 12.55
C VAL A 239 -14.45 21.07 12.35
N SER A 240 -14.53 22.39 12.41
N SER A 240 -14.53 22.40 12.40
CA SER A 240 -15.82 23.05 12.25
CA SER A 240 -15.80 23.07 12.21
C SER A 240 -16.43 22.70 10.91
C SER A 240 -16.43 22.68 10.89
N GLY A 241 -17.68 22.24 10.94
CA GLY A 241 -18.41 21.91 9.75
C GLY A 241 -18.21 20.50 9.23
N ALA A 242 -17.35 19.69 9.83
CA ALA A 242 -17.13 18.33 9.32
C ALA A 242 -18.31 17.44 9.71
N LYS A 243 -18.65 16.49 8.82
CA LYS A 243 -19.79 15.63 9.05
C LYS A 243 -19.58 14.32 8.29
N SER A 244 -20.20 13.24 8.79
CA SER A 244 -20.24 12.02 7.99
C SER A 244 -21.39 12.14 7.00
N SER A 245 -21.07 11.96 5.73
CA SER A 245 -22.05 12.04 4.64
C SER A 245 -22.34 10.63 4.12
N SER A 246 -23.56 10.15 4.31
CA SER A 246 -23.95 8.87 3.71
C SER A 246 -23.88 8.96 2.20
N SER A 247 -24.31 10.08 1.63
CA SER A 247 -24.34 10.25 0.18
C SER A 247 -22.94 10.22 -0.41
N VAL A 248 -21.97 10.87 0.25
CA VAL A 248 -20.62 10.85 -0.27
C VAL A 248 -19.89 9.55 0.10
N GLY A 249 -20.23 8.95 1.23
CA GLY A 249 -19.58 7.73 1.64
C GLY A 249 -18.48 7.92 2.64
N GLY A 250 -18.54 8.95 3.47
CA GLY A 250 -17.53 9.16 4.48
C GLY A 250 -17.56 10.57 5.03
N TYR A 251 -16.59 10.82 5.90
CA TYR A 251 -16.42 12.12 6.49
C TYR A 251 -15.95 13.12 5.44
N VAL A 252 -16.61 14.28 5.42
CA VAL A 252 -16.21 15.39 4.57
C VAL A 252 -16.10 16.63 5.45
N PHE A 253 -15.42 17.64 4.93
CA PHE A 253 -15.18 18.84 5.72
C PHE A 253 -15.05 20.02 4.78
N PRO A 254 -15.27 21.24 5.27
CA PRO A 254 -15.13 22.42 4.41
C PRO A 254 -13.71 22.53 3.89
N CYS A 255 -13.58 22.75 2.59
CA CYS A 255 -12.24 22.87 2.03
C CYS A 255 -11.51 24.07 2.58
N SER A 256 -12.22 25.03 3.18
CA SER A 256 -11.59 26.19 3.79
C SER A 256 -10.95 25.89 5.15
N ALA A 257 -11.11 24.68 5.69
CA ALA A 257 -10.56 24.34 6.99
C ALA A 257 -9.07 24.10 6.94
N THR A 258 -8.42 24.36 8.07
CA THR A 258 -7.05 23.92 8.34
C THR A 258 -7.19 22.76 9.32
N LEU A 259 -6.66 21.57 8.93
CA LEU A 259 -6.97 20.39 9.71
C LEU A 259 -5.98 20.18 10.83
N PRO A 260 -6.44 19.62 11.94
CA PRO A 260 -5.52 19.26 13.01
C PRO A 260 -4.70 18.02 12.67
N SER A 261 -3.51 17.94 13.24
CA SER A 261 -2.70 16.75 13.08
C SER A 261 -3.38 15.56 13.78
N PHE A 262 -2.87 14.36 13.51
CA PHE A 262 -3.35 13.15 14.16
C PHE A 262 -2.13 12.30 14.55
N THR A 263 -2.04 11.97 15.82
CA THR A 263 -0.92 11.19 16.34
C THR A 263 -1.37 9.77 16.62
N PHE A 264 -0.56 8.78 16.22
CA PHE A 264 -0.83 7.38 16.58
C PHE A 264 0.38 6.79 17.30
N GLY A 265 0.09 5.91 18.24
CA GLY A 265 1.09 5.37 19.11
C GLY A 265 1.73 4.14 18.49
N VAL A 266 3.06 4.07 18.58
CA VAL A 266 3.81 2.87 18.28
C VAL A 266 4.59 2.57 19.55
N GLY A 267 4.13 1.56 20.30
CA GLY A 267 4.72 1.31 21.60
C GLY A 267 4.68 2.58 22.41
N SER A 268 5.84 2.95 22.94
CA SER A 268 5.98 4.19 23.68
C SER A 268 6.23 5.42 22.80
N ALA A 269 6.40 5.23 21.50
CA ALA A 269 6.74 6.31 20.58
C ALA A 269 5.47 6.83 19.92
N ARG A 270 5.63 7.93 19.18
CA ARG A 270 4.49 8.62 18.57
C ARG A 270 4.84 8.98 17.14
N ILE A 271 3.90 8.76 16.22
CA ILE A 271 3.99 9.24 14.85
C ILE A 271 2.92 10.31 14.67
N VAL A 272 3.32 11.49 14.19
CA VAL A 272 2.40 12.60 14.00
C VAL A 272 2.14 12.77 12.51
N ILE A 273 0.87 12.60 12.14
CA ILE A 273 0.41 12.87 10.77
C ILE A 273 0.05 14.36 10.69
N PRO A 274 0.77 15.18 9.91
CA PRO A 274 0.34 16.58 9.75
C PRO A 274 -1.07 16.70 9.21
N GLY A 275 -1.79 17.72 9.68
CA GLY A 275 -3.14 17.96 9.21
C GLY A 275 -3.29 18.01 7.70
N ASP A 276 -2.34 18.63 6.99
CA ASP A 276 -2.46 18.74 5.54
C ASP A 276 -2.50 17.37 4.88
N TYR A 277 -1.86 16.38 5.49
CA TYR A 277 -1.91 15.01 4.94
C TYR A 277 -3.32 14.44 4.92
N ILE A 278 -4.21 14.97 5.76
CA ILE A 278 -5.56 14.41 5.91
C ILE A 278 -6.58 15.06 4.95
N ASP A 279 -6.13 16.03 4.15
CA ASP A 279 -6.97 16.72 3.17
C ASP A 279 -6.85 16.01 1.82
N PHE A 280 -7.94 15.38 1.37
CA PHE A 280 -7.93 14.72 0.07
C PHE A 280 -8.79 15.44 -0.96
N GLY A 281 -9.02 16.71 -0.76
CA GLY A 281 -9.44 17.57 -1.83
C GLY A 281 -10.91 17.48 -2.06
N PRO A 282 -11.39 18.30 -3.00
CA PRO A 282 -12.83 18.39 -3.23
C PRO A 282 -13.43 17.04 -3.60
N ILE A 283 -14.64 16.79 -3.08
CA ILE A 283 -15.34 15.54 -3.37
C ILE A 283 -15.59 15.42 -4.87
N SER A 284 -15.72 16.55 -5.55
CA SER A 284 -15.87 16.65 -6.99
C SER A 284 -15.23 17.95 -7.40
N THR A 285 -14.80 18.02 -8.65
CA THR A 285 -14.16 19.22 -9.14
C THR A 285 -14.99 20.46 -8.82
N GLY A 286 -14.34 21.45 -8.24
CA GLY A 286 -14.99 22.69 -7.94
C GLY A 286 -15.78 22.73 -6.66
N SER A 287 -16.01 21.59 -6.01
CA SER A 287 -16.79 21.59 -4.79
C SER A 287 -16.04 22.25 -3.66
N SER A 288 -16.79 22.87 -2.76
CA SER A 288 -16.19 23.37 -1.53
C SER A 288 -16.23 22.40 -0.37
N SER A 289 -16.72 21.18 -0.59
CA SER A 289 -16.61 20.11 0.39
C SER A 289 -15.48 19.17 0.00
N CYS A 290 -14.66 18.83 0.98
CA CYS A 290 -13.42 18.09 0.80
C CYS A 290 -13.54 16.76 1.52
N PHE A 291 -12.89 15.74 0.96
CA PHE A 291 -12.97 14.40 1.53
C PHE A 291 -11.86 14.19 2.57
N GLY A 292 -12.25 13.61 3.70
CA GLY A 292 -11.32 13.41 4.79
C GLY A 292 -10.41 12.22 4.60
N GLY A 293 -9.17 12.37 5.07
CA GLY A 293 -8.20 11.29 5.00
C GLY A 293 -8.24 10.28 6.11
N ILE A 294 -9.04 10.54 7.13
CA ILE A 294 -9.30 9.63 8.24
C ILE A 294 -10.77 9.24 8.15
N GLN A 295 -11.03 7.95 8.04
CA GLN A 295 -12.39 7.43 7.84
C GLN A 295 -12.64 6.24 8.77
N SER A 296 -13.93 5.99 9.00
CA SER A 296 -14.33 4.88 9.85
C SER A 296 -14.06 3.54 9.19
N SER A 297 -13.51 2.61 9.99
CA SER A 297 -13.35 1.23 9.58
C SER A 297 -14.61 0.40 9.79
N ALA A 298 -15.65 0.96 10.39
CA ALA A 298 -16.86 0.18 10.59
C ALA A 298 -17.33 -0.35 9.23
N GLY A 299 -17.76 -1.59 9.20
CA GLY A 299 -18.14 -2.18 7.93
C GLY A 299 -17.00 -2.59 7.03
N ILE A 300 -15.78 -2.07 7.23
CA ILE A 300 -14.62 -2.63 6.54
C ILE A 300 -14.19 -3.94 7.17
N GLY A 301 -14.32 -4.05 8.49
CA GLY A 301 -13.95 -5.26 9.19
C GLY A 301 -12.56 -5.25 9.79
N ILE A 302 -11.74 -4.26 9.46
CA ILE A 302 -10.37 -4.20 9.97
C ILE A 302 -9.93 -2.75 9.93
N ASN A 303 -9.07 -2.36 10.86
CA ASN A 303 -8.51 -1.02 10.80
C ASN A 303 -7.31 -1.04 9.87
N ILE A 304 -7.12 0.03 9.09
CA ILE A 304 -6.12 0.03 8.03
C ILE A 304 -5.29 1.29 8.17
N PHE A 305 -4.01 1.13 8.49
CA PHE A 305 -3.05 2.21 8.46
C PHE A 305 -2.57 2.31 7.02
N GLY A 306 -3.33 3.08 6.23
CA GLY A 306 -3.02 3.29 4.83
C GLY A 306 -1.99 4.39 4.62
N ASP A 307 -1.88 4.81 3.36
CA ASP A 307 -0.81 5.74 2.98
C ASP A 307 -0.83 7.02 3.82
N VAL A 308 -2.01 7.52 4.18
CA VAL A 308 -2.11 8.73 4.99
C VAL A 308 -1.24 8.60 6.24
N ALA A 309 -1.27 7.42 6.86
CA ALA A 309 -0.47 7.20 8.06
C ALA A 309 0.95 6.84 7.71
N LEU A 310 1.14 5.88 6.79
CA LEU A 310 2.48 5.39 6.51
C LEU A 310 3.41 6.47 5.94
N LYS A 311 2.87 7.44 5.20
CA LYS A 311 3.73 8.45 4.61
C LYS A 311 4.22 9.50 5.62
N ALA A 312 3.64 9.55 6.82
CA ALA A 312 4.23 10.33 7.89
C ALA A 312 5.41 9.65 8.57
N ALA A 313 5.77 8.45 8.15
CA ALA A 313 6.80 7.70 8.85
C ALA A 313 7.74 7.00 7.87
N PHE A 314 8.89 6.64 8.42
CA PHE A 314 9.76 5.64 7.84
C PHE A 314 9.36 4.28 8.41
N VAL A 315 8.98 3.34 7.56
CA VAL A 315 8.37 2.09 7.98
C VAL A 315 9.22 0.90 7.55
N VAL A 316 9.57 0.06 8.52
CA VAL A 316 10.38 -1.13 8.33
C VAL A 316 9.49 -2.35 8.44
N PHE A 317 9.40 -3.09 7.34
CA PHE A 317 8.69 -4.35 7.27
C PHE A 317 9.75 -5.43 7.46
N ASN A 318 9.88 -5.90 8.69
CA ASN A 318 10.92 -6.85 9.08
C ASN A 318 10.41 -8.28 8.93
N GLY A 319 10.96 -8.98 7.95
CA GLY A 319 10.53 -10.32 7.61
C GLY A 319 11.41 -11.39 8.23
N ALA A 320 12.05 -11.08 9.35
CA ALA A 320 12.77 -12.09 10.11
C ALA A 320 11.82 -13.24 10.48
N THR A 321 12.41 -14.32 11.02
CA THR A 321 11.60 -15.50 11.30
C THR A 321 10.39 -15.13 12.13
N THR A 322 10.56 -14.21 13.07
CA THR A 322 9.45 -13.62 13.80
C THR A 322 9.26 -12.21 13.25
N PRO A 323 8.31 -11.98 12.37
CA PRO A 323 8.21 -10.66 11.73
C PRO A 323 7.83 -9.57 12.74
N THR A 324 8.30 -8.36 12.45
CA THR A 324 7.90 -7.19 13.22
C THR A 324 7.81 -6.00 12.28
N LEU A 325 7.28 -4.90 12.83
CA LEU A 325 7.08 -3.63 12.13
C LEU A 325 7.82 -2.53 12.87
N GLY A 326 8.51 -1.68 12.13
CA GLY A 326 9.24 -0.57 12.69
C GLY A 326 8.70 0.74 12.15
N PHE A 327 8.55 1.72 13.03
CA PHE A 327 8.16 3.06 12.67
C PHE A 327 9.15 4.09 13.21
N ALA A 328 9.56 5.02 12.36
CA ALA A 328 10.35 6.16 12.79
C ALA A 328 9.74 7.43 12.20
N SER A 329 9.90 8.53 12.94
CA SER A 329 9.57 9.85 12.43
C SER A 329 10.56 10.22 11.34
N LYS A 330 10.19 11.19 10.53
CA LYS A 330 11.09 11.63 9.47
C LYS A 330 10.82 13.07 9.06
S DMS B . -10.48 1.27 1.45
O DMS B . -9.91 0.89 0.13
C1 DMS B . -12.26 1.62 1.22
C2 DMS B . -10.54 -0.19 2.54
C4 FLK C . -5.48 -2.23 -4.05
C5 FLK C . -6.52 -1.50 -3.18
N1 FLK C . -4.67 -3.43 -0.78
N2 FLK C . -4.64 -2.88 -3.06
N3 FLK C . -6.35 -2.13 -1.87
CL FLK C . -7.86 -5.20 4.22
C2 FLK C . -7.00 -5.25 2.66
C1 FLK C . -7.16 -3.96 1.93
C FLK C . -6.49 -4.07 0.57
O FLK C . -6.98 -4.73 -0.34
N FLK C . -5.36 -3.37 0.43
C3 FLK C . -5.19 -2.87 -1.86
S DMS D . -6.24 -9.43 0.03
O DMS D . -6.25 -10.83 -0.51
C1 DMS D . -6.73 -8.34 -1.33
C2 DMS D . -7.66 -9.16 1.12
#